data_8A50
#
_entry.id   8A50
#
_cell.length_a   79.81
_cell.length_b   79.81
_cell.length_c   79.81
_cell.angle_alpha   90
_cell.angle_beta   90
_cell.angle_gamma   90
#
_symmetry.space_group_name_H-M   'P 41 3 2'
#
loop_
_entity.id
_entity.type
_entity.pdbx_description
1 polymer 'Heat shock factor 2-binding protein'
2 non-polymer 'PHOSPHATE ION'
3 water water
#
_entity_poly.entity_id   1
_entity_poly.type   'polypeptide(L)'
_entity_poly.pdbx_seq_one_letter_code
;EFVKVRKKDLERLTTEVMQIRDFLPRILNGEV
;
_entity_poly.pdbx_strand_id   A,B
#
# COMPACT_ATOMS: atom_id res chain seq x y z
N GLU A 1 9.76 11.41 -14.29
N GLU A 1 8.47 10.96 -16.32
CA GLU A 1 8.61 10.79 -14.97
CA GLU A 1 8.66 10.62 -14.91
C GLU A 1 7.39 10.81 -14.07
C GLU A 1 7.38 10.73 -14.06
N PHE A 2 6.20 10.93 -14.69
CA PHE A 2 4.92 10.93 -13.99
C PHE A 2 4.08 9.83 -14.59
N VAL A 3 3.32 9.15 -13.76
CA VAL A 3 2.43 8.07 -14.14
C VAL A 3 1.04 8.49 -13.70
N LYS A 4 0.04 8.31 -14.58
CA LYS A 4 -1.34 8.59 -14.23
C LYS A 4 -1.87 7.42 -13.42
N VAL A 5 -2.42 7.69 -12.26
CA VAL A 5 -2.98 6.66 -11.41
C VAL A 5 -4.41 7.03 -11.12
N ARG A 6 -5.34 6.08 -11.20
CA ARG A 6 -6.74 6.36 -10.89
CA ARG A 6 -6.75 6.35 -10.89
C ARG A 6 -6.87 6.80 -9.43
N LYS A 7 -7.49 7.97 -9.18
CA LYS A 7 -7.66 8.47 -7.83
C LYS A 7 -8.43 7.48 -6.96
N LYS A 8 -9.49 6.87 -7.51
N LYS A 8 -9.48 6.86 -7.54
CA LYS A 8 -10.28 5.89 -6.76
CA LYS A 8 -10.30 5.85 -6.87
C LYS A 8 -9.45 4.64 -6.40
C LYS A 8 -9.45 4.65 -6.43
N ASP A 9 -8.41 4.28 -7.20
CA ASP A 9 -7.54 3.15 -6.88
C ASP A 9 -6.64 3.53 -5.70
N LEU A 10 -6.08 4.75 -5.69
CA LEU A 10 -5.30 5.21 -4.54
C LEU A 10 -6.17 5.33 -3.29
N GLU A 11 -7.45 5.75 -3.44
CA GLU A 11 -8.34 5.83 -2.30
C GLU A 11 -8.65 4.42 -1.78
N ARG A 12 -8.89 3.45 -2.67
N ARG A 12 -8.90 3.45 -2.66
CA ARG A 12 -9.19 2.10 -2.22
CA ARG A 12 -9.19 2.09 -2.24
C ARG A 12 -7.95 1.50 -1.54
C ARG A 12 -7.96 1.48 -1.56
N LEU A 13 -6.77 1.71 -2.12
CA LEU A 13 -5.53 1.23 -1.50
C LEU A 13 -5.32 1.86 -0.13
N THR A 14 -5.59 3.18 0.00
CA THR A 14 -5.51 3.88 1.28
C THR A 14 -6.43 3.22 2.29
N THR A 15 -7.67 2.91 1.88
CA THR A 15 -8.61 2.25 2.78
C THR A 15 -8.08 0.90 3.24
N GLU A 16 -7.49 0.13 2.31
CA GLU A 16 -6.99 -1.19 2.66
C GLU A 16 -5.81 -1.06 3.63
N VAL A 17 -4.94 -0.10 3.38
CA VAL A 17 -3.81 0.14 4.27
C VAL A 17 -4.27 0.57 5.65
N MET A 18 -5.27 1.47 5.68
N MET A 18 -5.25 1.47 5.70
CA MET A 18 -5.82 1.93 6.94
CA MET A 18 -5.78 1.95 6.97
C MET A 18 -6.44 0.78 7.74
C MET A 18 -6.46 0.80 7.74
N GLN A 19 -7.10 -0.14 7.03
CA GLN A 19 -7.72 -1.30 7.67
CA GLN A 19 -7.71 -1.30 7.68
C GLN A 19 -6.64 -2.17 8.34
N ILE A 20 -5.51 -2.45 7.63
CA ILE A 20 -4.42 -3.22 8.24
CA ILE A 20 -4.43 -3.24 8.22
C ILE A 20 -3.79 -2.47 9.38
N ARG A 21 -3.62 -1.14 9.23
CA ARG A 21 -3.04 -0.31 10.26
C ARG A 21 -3.85 -0.39 11.55
N ASP A 22 -5.19 -0.48 11.44
CA ASP A 22 -6.05 -0.59 12.63
C ASP A 22 -6.24 -2.01 13.12
N PHE A 23 -5.92 -2.99 12.28
CA PHE A 23 -6.01 -4.38 12.69
C PHE A 23 -4.77 -4.85 13.44
N LEU A 24 -3.56 -4.50 12.98
CA LEU A 24 -2.35 -4.96 13.63
C LEU A 24 -2.27 -4.65 15.13
N PRO A 25 -2.74 -3.47 15.60
CA PRO A 25 -2.72 -3.21 17.05
C PRO A 25 -3.50 -4.21 17.84
N ARG A 26 -4.63 -4.68 17.31
CA ARG A 26 -5.44 -5.67 17.98
C ARG A 26 -4.68 -6.98 18.13
N ILE A 27 -3.95 -7.40 17.07
CA ILE A 27 -3.13 -8.61 17.08
C ILE A 27 -1.97 -8.47 18.07
N LEU A 28 -1.29 -7.33 18.03
CA LEU A 28 -0.14 -7.09 18.87
C LEU A 28 -0.50 -7.10 20.37
N ASN A 29 -1.73 -6.72 20.74
CA ASN A 29 -2.17 -6.69 22.13
C ASN A 29 -3.05 -7.87 22.55
N GLU B 1 -10.06 12.54 -12.10
N GLU B 1 -11.16 10.05 -12.80
CA GLU B 1 -10.17 11.07 -12.22
CA GLU B 1 -10.13 11.00 -12.44
C GLU B 1 -8.80 10.39 -12.01
C GLU B 1 -8.81 10.28 -12.20
N PHE B 2 -7.72 10.94 -12.62
CA PHE B 2 -6.37 10.44 -12.46
C PHE B 2 -5.55 11.47 -11.68
N VAL B 3 -4.59 10.98 -10.92
CA VAL B 3 -3.61 11.76 -10.17
C VAL B 3 -2.28 11.52 -10.86
N LYS B 4 -1.47 12.57 -11.06
CA LYS B 4 -0.16 12.42 -11.67
C LYS B 4 0.79 12.12 -10.54
N VAL B 5 1.38 10.92 -10.54
CA VAL B 5 2.28 10.52 -9.48
C VAL B 5 3.68 10.40 -10.02
N ARG B 6 4.67 10.83 -9.25
CA ARG B 6 6.05 10.68 -9.64
C ARG B 6 6.40 9.21 -9.71
N LYS B 7 7.06 8.75 -10.77
CA LYS B 7 7.43 7.33 -10.87
C LYS B 7 8.26 6.87 -9.67
N LYS B 8 9.14 7.73 -9.16
N LYS B 8 9.17 7.73 -9.17
CA LYS B 8 9.97 7.36 -8.00
CA LYS B 8 9.99 7.40 -8.00
C LYS B 8 9.11 7.11 -6.75
C LYS B 8 9.12 7.13 -6.76
N ASP B 9 7.99 7.84 -6.62
CA ASP B 9 7.08 7.60 -5.49
C ASP B 9 6.37 6.26 -5.67
N LEU B 10 5.97 5.91 -6.89
CA LEU B 10 5.36 4.59 -7.13
C LEU B 10 6.39 3.47 -6.91
N GLU B 11 7.65 3.71 -7.24
CA GLU B 11 8.70 2.74 -7.02
C GLU B 11 8.91 2.53 -5.51
N ARG B 12 8.91 3.63 -4.75
N ARG B 12 8.91 3.63 -4.74
CA ARG B 12 9.03 3.53 -3.29
CA ARG B 12 9.01 3.53 -3.28
C ARG B 12 7.82 2.79 -2.70
C ARG B 12 7.80 2.77 -2.72
N LEU B 13 6.61 3.12 -3.19
CA LEU B 13 5.38 2.48 -2.73
C LEU B 13 5.41 0.99 -3.04
N THR B 14 5.85 0.64 -4.27
CA THR B 14 5.93 -0.77 -4.65
C THR B 14 6.86 -1.54 -3.73
N THR B 15 8.00 -0.94 -3.42
CA THR B 15 9.00 -1.57 -2.59
C THR B 15 8.47 -1.75 -1.17
N GLU B 16 7.77 -0.75 -0.66
CA GLU B 16 7.18 -0.84 0.67
C GLU B 16 6.13 -1.96 0.73
N VAL B 17 5.31 -2.06 -0.31
CA VAL B 17 4.29 -3.11 -0.38
C VAL B 17 5.01 -4.48 -0.44
N MET B 18 6.07 -4.61 -1.25
CA MET B 18 6.77 -5.87 -1.34
C MET B 18 7.43 -6.31 -0.03
N GLN B 19 7.92 -5.34 0.75
CA GLN B 19 8.49 -5.67 2.05
C GLN B 19 7.43 -6.26 2.99
N ILE B 20 6.22 -5.68 2.96
CA ILE B 20 5.13 -6.21 3.77
C ILE B 20 4.73 -7.60 3.27
N ARG B 21 4.60 -7.75 1.94
CA ARG B 21 4.28 -9.04 1.33
C ARG B 21 5.27 -10.12 1.76
N ASP B 22 6.55 -9.78 1.72
CA ASP B 22 7.58 -10.78 1.98
C ASP B 22 7.82 -10.99 3.49
N PHE B 23 7.03 -10.34 4.35
CA PHE B 23 7.03 -10.63 5.78
C PHE B 23 6.12 -11.81 6.08
N LEU B 24 5.20 -12.21 5.15
CA LEU B 24 4.23 -13.23 5.48
C LEU B 24 4.83 -14.57 5.92
N PRO B 25 5.88 -15.12 5.29
CA PRO B 25 6.43 -16.38 5.79
C PRO B 25 6.86 -16.30 7.25
N ARG B 26 7.56 -15.25 7.65
CA ARG B 26 8.00 -15.10 9.04
C ARG B 26 6.85 -15.03 10.01
N ILE B 27 5.79 -14.32 9.64
CA ILE B 27 4.63 -14.17 10.51
C ILE B 27 3.87 -15.50 10.65
N LEU B 28 3.72 -16.24 9.55
CA LEU B 28 2.93 -17.47 9.53
C LEU B 28 3.62 -18.75 9.96
N ASN B 29 4.95 -18.81 9.94
CA ASN B 29 5.66 -20.06 10.21
CA ASN B 29 5.66 -20.07 10.22
C ASN B 29 5.66 -20.54 11.66
N GLY B 30 5.25 -19.70 12.62
CA GLY B 30 5.25 -20.09 14.02
C GLY B 30 6.63 -19.98 14.64
#